data_9DSY
#
_entry.id   9DSY
#
_cell.length_a   34.585
_cell.length_b   44.495
_cell.length_c   47.239
_cell.angle_alpha   78.78
_cell.angle_beta   84.22
_cell.angle_gamma   75.83
#
_symmetry.space_group_name_H-M   'P 1'
#
loop_
_entity.id
_entity.type
_entity.pdbx_description
1 polymer 'C4-dicarboxylate-binding periplasmic protein DctP'
2 non-polymer 'SUCCINIC ACID'
3 non-polymer 'ZINC ION'
4 water water
#
_entity_poly.entity_id   1
_entity_poly.type   'polypeptide(L)'
_entity_poly.pdbx_seq_one_letter_code
;SNAADPIVIKFSHVVAEHTPKGQGALLFKKLVEERLPGKVKVEVYPNSSLFGDGKE(MSE)EALLLGDVQIIAPSLAKFE
QYTKKLQIFDLPFLFDNIQAVDRFQQSPQGKELLTS(MSE)QDKGITGLGYWHNG(MSE)KQLSANKPLREPKDARGLKF
RVQASKVLEEQFKAVRANPRK(MSE)SFAEVYQGLQTGVVNGTENPWSNIYSQK(MSE)HEVQKYITESDHGVLDY
(MSE)VITNTKFWNGLPEDVRGVLAKT(MSE)DEVTVEVNKQAEALNQGDKQRIVEAKTSEIIELTPEQRAEWRKA
(MSE)QPVWKKFEGEIGADLIKAAEAANQAQ
;
_entity_poly.pdbx_strand_id   A
#
loop_
_chem_comp.id
_chem_comp.type
_chem_comp.name
_chem_comp.formula
SIN non-polymer 'SUCCINIC ACID' 'C4 H6 O4'
ZN non-polymer 'ZINC ION' 'Zn 2'
#
# COMPACT_ATOMS: atom_id res chain seq x y z
N PRO A 6 -12.10 19.73 21.38
CA PRO A 6 -12.42 18.38 20.89
C PRO A 6 -11.23 17.44 20.91
N ILE A 7 -11.52 16.13 20.83
CA ILE A 7 -10.48 15.14 20.66
C ILE A 7 -9.95 15.32 19.23
N VAL A 8 -8.63 15.46 19.11
CA VAL A 8 -8.01 15.64 17.79
C VAL A 8 -7.46 14.31 17.31
N ILE A 9 -7.87 13.94 16.09
CA ILE A 9 -7.35 12.74 15.45
C ILE A 9 -6.61 13.18 14.19
N LYS A 10 -5.29 13.07 14.21
N LYS A 10 -5.28 13.14 14.28
CA LYS A 10 -4.50 13.39 13.03
CA LYS A 10 -4.46 13.39 13.11
C LYS A 10 -4.31 12.11 12.20
C LYS A 10 -4.30 12.07 12.37
N PHE A 11 -4.66 12.19 10.91
N PHE A 11 -4.50 12.15 11.04
CA PHE A 11 -4.50 11.10 9.97
CA PHE A 11 -4.39 11.03 10.12
C PHE A 11 -3.43 11.53 8.98
C PHE A 11 -3.45 11.47 9.00
N SER A 12 -2.29 10.86 9.06
N SER A 12 -2.20 11.00 9.06
CA SER A 12 -1.17 11.17 8.19
CA SER A 12 -1.21 11.39 8.06
C SER A 12 -0.98 10.07 7.17
C SER A 12 -0.95 10.26 7.08
N HIS A 13 -0.57 10.47 5.95
N HIS A 13 -0.62 10.62 5.82
CA HIS A 13 -0.25 9.51 4.91
CA HIS A 13 -0.31 9.60 4.85
C HIS A 13 0.62 10.15 3.84
C HIS A 13 0.68 10.18 3.83
N VAL A 14 1.16 9.30 2.95
CA VAL A 14 2.19 9.68 1.99
C VAL A 14 1.67 9.85 0.57
N VAL A 15 0.36 9.66 0.31
CA VAL A 15 -0.13 9.71 -1.05
C VAL A 15 -0.84 11.03 -1.36
N ALA A 16 -1.14 11.23 -2.64
CA ALA A 16 -1.87 12.39 -3.09
C ALA A 16 -3.33 12.28 -2.67
N GLU A 17 -4.06 13.39 -2.79
CA GLU A 17 -5.45 13.44 -2.34
C GLU A 17 -6.36 12.60 -3.23
N HIS A 18 -6.16 12.64 -4.54
CA HIS A 18 -7.09 11.96 -5.45
C HIS A 18 -6.59 10.53 -5.69
N THR A 19 -6.67 9.73 -4.63
CA THR A 19 -6.22 8.36 -4.61
C THR A 19 -7.13 7.59 -3.67
N PRO A 20 -7.07 6.24 -3.68
CA PRO A 20 -7.95 5.50 -2.75
C PRO A 20 -7.77 5.92 -1.30
N LYS A 21 -6.52 5.98 -0.83
CA LYS A 21 -6.25 6.32 0.56
C LYS A 21 -6.50 7.80 0.83
N GLY A 22 -6.13 8.66 -0.13
CA GLY A 22 -6.37 10.08 0.05
C GLY A 22 -7.85 10.40 0.24
N GLN A 23 -8.69 9.79 -0.60
N GLN A 23 -8.67 9.75 -0.60
CA GLN A 23 -10.11 9.99 -0.48
CA GLN A 23 -10.12 9.89 -0.58
C GLN A 23 -10.63 9.38 0.81
C GLN A 23 -10.71 9.30 0.70
N GLY A 24 -10.13 8.19 1.14
CA GLY A 24 -10.59 7.52 2.36
C GLY A 24 -10.36 8.39 3.58
N ALA A 25 -9.16 8.97 3.71
CA ALA A 25 -8.87 9.80 4.86
C ALA A 25 -9.82 10.99 4.92
N LEU A 26 -10.08 11.62 3.76
CA LEU A 26 -10.97 12.77 3.73
C LEU A 26 -12.41 12.37 4.04
N LEU A 27 -12.84 11.20 3.60
CA LEU A 27 -14.18 10.73 3.88
C LEU A 27 -14.32 10.49 5.38
N PHE A 28 -13.28 9.90 6.00
CA PHE A 28 -13.35 9.65 7.44
C PHE A 28 -13.52 10.98 8.16
N LYS A 29 -12.76 12.00 7.76
CA LYS A 29 -12.89 13.31 8.36
C LYS A 29 -14.31 13.86 8.20
N LYS A 30 -14.83 13.77 6.99
CA LYS A 30 -16.14 14.31 6.70
C LYS A 30 -17.20 13.66 7.59
N LEU A 31 -17.24 12.34 7.62
CA LEU A 31 -18.27 11.63 8.39
C LEU A 31 -18.08 11.85 9.89
N VAL A 32 -16.85 11.69 10.41
CA VAL A 32 -16.64 11.86 11.85
C VAL A 32 -17.11 13.24 12.32
N GLU A 33 -16.77 14.29 11.57
CA GLU A 33 -17.08 15.64 12.02
C GLU A 33 -18.59 15.90 11.96
N GLU A 34 -19.31 15.17 11.10
CA GLU A 34 -20.76 15.28 11.03
C GLU A 34 -21.42 14.53 12.19
N ARG A 35 -20.83 13.40 12.59
CA ARG A 35 -21.44 12.50 13.56
C ARG A 35 -21.08 12.79 15.01
N LEU A 36 -19.95 13.46 15.25
CA LEU A 36 -19.48 13.80 16.58
C LEU A 36 -19.18 15.30 16.59
N PRO A 37 -20.20 16.14 16.29
CA PRO A 37 -19.99 17.57 16.12
C PRO A 37 -19.44 18.24 17.37
N GLY A 38 -18.24 18.83 17.23
CA GLY A 38 -17.59 19.53 18.31
C GLY A 38 -16.92 18.59 19.32
N LYS A 39 -17.05 17.28 19.13
CA LYS A 39 -16.45 16.32 20.06
C LYS A 39 -15.14 15.75 19.52
N VAL A 40 -15.06 15.55 18.20
CA VAL A 40 -13.87 15.01 17.57
C VAL A 40 -13.59 15.83 16.32
N LYS A 41 -12.32 16.17 16.13
CA LYS A 41 -11.86 16.84 14.93
C LYS A 41 -10.82 15.92 14.29
N VAL A 42 -10.91 15.76 12.96
CA VAL A 42 -10.00 14.94 12.20
C VAL A 42 -9.19 15.88 11.32
N GLU A 43 -7.86 15.78 11.43
CA GLU A 43 -6.96 16.58 10.61
C GLU A 43 -6.23 15.62 9.69
N VAL A 44 -6.32 15.86 8.38
CA VAL A 44 -5.71 14.97 7.41
C VAL A 44 -4.48 15.64 6.79
N TYR A 45 -3.37 14.90 6.78
CA TYR A 45 -2.10 15.39 6.25
C TYR A 45 -1.63 14.47 5.13
N PRO A 46 -1.90 14.82 3.86
CA PRO A 46 -1.48 13.99 2.73
C PRO A 46 -0.06 14.27 2.28
N ASN A 47 0.44 13.47 1.34
CA ASN A 47 1.69 13.78 0.65
C ASN A 47 2.88 13.92 1.59
N SER A 48 2.90 13.18 2.70
CA SER A 48 4.02 13.21 3.64
C SER A 48 4.18 14.59 4.26
N SER A 49 3.12 15.42 4.23
CA SER A 49 3.18 16.78 4.72
C SER A 49 3.39 16.84 6.24
N LEU A 50 3.07 15.78 6.97
CA LEU A 50 3.32 15.74 8.40
C LEU A 50 4.41 14.71 8.68
N PHE A 51 4.16 13.46 8.29
CA PHE A 51 5.15 12.41 8.44
C PHE A 51 5.26 11.59 7.16
N GLY A 52 6.51 11.30 6.78
N GLY A 52 6.49 11.19 6.82
CA GLY A 52 6.82 10.50 5.61
CA GLY A 52 6.74 10.34 5.67
C GLY A 52 7.26 9.08 5.98
C GLY A 52 6.81 8.87 6.08
N ASP A 53 7.54 8.29 4.94
N ASP A 53 7.21 8.01 5.13
CA ASP A 53 7.92 6.90 5.11
CA ASP A 53 7.33 6.59 5.38
C ASP A 53 9.09 6.74 6.08
C ASP A 53 8.24 6.32 6.57
N GLY A 54 8.99 5.68 6.90
N GLY A 54 9.31 7.11 6.66
CA GLY A 54 10.01 5.35 7.86
CA GLY A 54 10.37 6.85 7.63
C GLY A 54 9.85 6.09 9.18
C GLY A 54 9.96 7.08 9.09
N LYS A 55 9.10 7.21 9.16
N LYS A 55 9.14 8.10 9.34
CA LYS A 55 8.97 8.11 10.30
CA LYS A 55 8.88 8.43 10.72
C LYS A 55 7.59 8.08 10.98
C LYS A 55 7.41 8.28 11.08
N GLU A 56 6.58 7.63 10.24
CA GLU A 56 5.19 7.60 10.69
C GLU A 56 4.94 6.65 11.85
N MSE A 57 5.58 5.46 11.85
N MSE A 57 5.66 5.52 11.93
CA MSE A 57 5.39 4.51 12.94
CA MSE A 57 5.46 4.62 13.06
C MSE A 57 5.86 5.13 14.25
C MSE A 57 5.91 5.33 14.34
O MSE A 57 5.26 4.90 15.31
O MSE A 57 5.13 5.42 15.29
CB MSE A 57 6.14 3.21 12.70
CB MSE A 57 6.19 3.30 12.84
CG MSE A 57 5.56 2.34 11.62
CG MSE A 57 5.65 2.13 13.65
SE MSE A 57 3.80 1.66 12.07
SE MSE A 57 3.72 1.82 13.57
CE MSE A 57 4.33 0.13 13.16
CE MSE A 57 3.70 0.23 12.42
N GLU A 58 6.97 5.85 14.16
N GLU A 58 7.14 5.87 14.35
CA GLU A 58 7.56 6.55 15.29
CA GLU A 58 7.61 6.60 15.51
C GLU A 58 6.54 7.52 15.89
C GLU A 58 6.54 7.60 15.97
N ALA A 59 5.95 8.32 15.02
CA ALA A 59 4.94 9.32 15.40
C ALA A 59 3.70 8.67 16.00
N LEU A 60 3.25 7.57 15.41
CA LEU A 60 2.05 6.92 15.94
C LEU A 60 2.28 6.43 17.36
N LEU A 61 3.44 5.81 17.60
CA LEU A 61 3.67 5.20 18.90
C LEU A 61 4.02 6.26 19.95
N LEU A 62 4.51 7.43 19.53
N LEU A 62 4.45 7.45 19.52
CA LEU A 62 4.77 8.51 20.47
CA LEU A 62 4.78 8.56 20.42
C LEU A 62 3.44 9.15 20.86
C LEU A 62 3.56 9.43 20.70
N GLY A 63 2.52 9.27 19.88
CA GLY A 63 1.26 9.99 20.05
C GLY A 63 1.20 11.30 19.26
N ASP A 64 2.10 11.47 18.28
CA ASP A 64 2.13 12.68 17.44
C ASP A 64 1.16 12.59 16.27
N VAL A 65 0.67 11.36 16.01
N VAL A 65 0.68 11.37 15.99
CA VAL A 65 -0.35 11.10 14.99
CA VAL A 65 -0.41 11.16 15.04
C VAL A 65 -1.21 9.95 15.53
C VAL A 65 -1.26 10.05 15.65
N GLN A 66 -2.50 9.94 15.17
CA GLN A 66 -3.45 8.99 15.74
C GLN A 66 -3.86 7.87 14.79
N ILE A 67 -3.86 8.14 13.49
CA ILE A 67 -4.18 7.10 12.52
C ILE A 67 -3.22 7.23 11.35
N ILE A 68 -2.67 6.08 10.92
CA ILE A 68 -1.88 5.99 9.69
C ILE A 68 -2.36 4.74 8.95
N ALA A 69 -1.99 4.62 7.68
CA ALA A 69 -2.43 3.48 6.90
C ALA A 69 -1.32 3.07 5.95
N PRO A 70 -0.24 2.47 6.46
CA PRO A 70 0.87 2.08 5.61
C PRO A 70 0.54 0.90 4.72
N SER A 71 1.23 0.83 3.60
CA SER A 71 1.26 -0.37 2.79
C SER A 71 1.59 -1.59 3.66
N LEU A 72 0.93 -2.71 3.34
CA LEU A 72 1.18 -3.98 4.04
C LEU A 72 2.63 -4.43 3.89
N ALA A 73 3.35 -3.88 2.89
CA ALA A 73 4.75 -4.26 2.67
C ALA A 73 5.71 -3.55 3.62
N LYS A 74 5.24 -2.66 4.49
CA LYS A 74 6.13 -1.82 5.30
C LYS A 74 6.12 -2.17 6.79
N PHE A 75 5.82 -3.43 7.12
CA PHE A 75 5.73 -3.82 8.52
C PHE A 75 6.75 -4.89 8.96
N GLU A 76 7.74 -5.24 8.14
CA GLU A 76 8.61 -6.36 8.48
C GLU A 76 9.38 -6.13 9.79
N GLN A 77 9.61 -4.88 10.18
CA GLN A 77 10.37 -4.61 11.39
C GLN A 77 9.51 -4.77 12.64
N TYR A 78 8.19 -4.91 12.46
CA TYR A 78 7.25 -5.00 13.59
C TYR A 78 6.57 -6.36 13.66
N THR A 79 6.40 -7.02 12.51
CA THR A 79 5.82 -8.36 12.44
C THR A 79 6.34 -9.01 11.16
N LYS A 80 6.46 -10.35 11.14
CA LYS A 80 6.91 -11.04 9.95
C LYS A 80 5.74 -11.61 9.14
N LYS A 81 4.52 -11.54 9.66
CA LYS A 81 3.40 -12.18 9.00
C LYS A 81 2.83 -11.38 7.83
N LEU A 82 2.87 -10.05 7.88
CA LEU A 82 2.23 -9.27 6.83
C LEU A 82 3.00 -9.35 5.51
N GLN A 83 4.23 -9.84 5.55
CA GLN A 83 5.03 -10.05 4.35
C GLN A 83 4.29 -10.94 3.35
N ILE A 84 3.30 -11.70 3.80
CA ILE A 84 2.54 -12.55 2.91
C ILE A 84 1.92 -11.74 1.77
N PHE A 85 1.56 -10.48 2.04
CA PHE A 85 0.91 -9.67 1.01
C PHE A 85 1.90 -9.19 -0.04
N ASP A 86 3.21 -9.36 0.21
CA ASP A 86 4.22 -8.91 -0.73
C ASP A 86 4.62 -10.00 -1.73
N LEU A 87 4.25 -11.26 -1.44
CA LEU A 87 4.67 -12.37 -2.29
C LEU A 87 4.13 -12.17 -3.70
N PRO A 88 5.01 -12.21 -4.73
CA PRO A 88 4.57 -11.98 -6.11
C PRO A 88 3.67 -13.09 -6.64
N PHE A 89 2.61 -12.69 -7.36
CA PHE A 89 1.67 -13.59 -8.01
C PHE A 89 0.98 -14.52 -7.00
N LEU A 90 0.86 -14.10 -5.75
CA LEU A 90 0.15 -14.90 -4.75
C LEU A 90 -1.36 -14.80 -5.03
N PHE A 91 -1.85 -13.57 -5.21
CA PHE A 91 -3.26 -13.35 -5.48
C PHE A 91 -3.44 -13.03 -6.97
N ASP A 92 -4.44 -13.66 -7.59
N ASP A 92 -4.45 -13.67 -7.57
CA ASP A 92 -4.71 -13.46 -9.01
CA ASP A 92 -4.75 -13.50 -8.98
C ASP A 92 -5.44 -12.13 -9.21
C ASP A 92 -5.47 -12.17 -9.21
N ASN A 93 -6.26 -11.74 -8.23
CA ASN A 93 -7.05 -10.52 -8.35
C ASN A 93 -7.37 -9.95 -6.96
N ILE A 94 -7.99 -8.76 -6.98
CA ILE A 94 -8.40 -8.07 -5.75
C ILE A 94 -9.45 -8.90 -5.02
N GLN A 95 -10.20 -9.74 -5.76
CA GLN A 95 -11.23 -10.57 -5.16
C GLN A 95 -10.59 -11.59 -4.20
N ALA A 96 -9.50 -12.22 -4.64
CA ALA A 96 -8.81 -13.19 -3.81
C ALA A 96 -8.21 -12.51 -2.58
N VAL A 97 -7.63 -11.33 -2.79
CA VAL A 97 -7.04 -10.56 -1.71
C VAL A 97 -8.10 -10.32 -0.64
N ASP A 98 -9.26 -9.85 -1.10
CA ASP A 98 -10.37 -9.50 -0.23
C ASP A 98 -10.81 -10.74 0.55
N ARG A 99 -10.88 -11.89 -0.11
CA ARG A 99 -11.37 -13.11 0.54
C ARG A 99 -10.41 -13.55 1.64
N PHE A 100 -9.10 -13.37 1.43
CA PHE A 100 -8.13 -13.72 2.46
C PHE A 100 -8.22 -12.76 3.63
N GLN A 101 -8.31 -11.44 3.35
CA GLN A 101 -8.37 -10.45 4.40
C GLN A 101 -9.59 -10.64 5.31
N GLN A 102 -10.68 -11.18 4.76
CA GLN A 102 -11.92 -11.33 5.53
C GLN A 102 -11.99 -12.67 6.27
N SER A 103 -11.06 -13.59 6.02
CA SER A 103 -11.06 -14.90 6.66
C SER A 103 -10.63 -14.77 8.12
N PRO A 104 -10.88 -15.76 9.01
CA PRO A 104 -10.42 -15.65 10.38
C PRO A 104 -8.92 -15.39 10.47
N GLN A 105 -8.16 -15.98 9.54
CA GLN A 105 -6.71 -15.79 9.54
C GLN A 105 -6.39 -14.36 9.13
N GLY A 106 -7.12 -13.84 8.14
CA GLY A 106 -6.90 -12.47 7.69
C GLY A 106 -7.19 -11.47 8.80
N LYS A 107 -8.27 -11.71 9.56
CA LYS A 107 -8.64 -10.78 10.61
C LYS A 107 -7.66 -10.85 11.77
N GLU A 108 -7.10 -12.04 12.05
CA GLU A 108 -6.18 -12.15 13.18
C GLU A 108 -4.93 -11.32 12.89
N LEU A 109 -4.62 -11.10 11.61
CA LEU A 109 -3.43 -10.33 11.23
C LEU A 109 -3.60 -8.85 11.62
N LEU A 110 -4.84 -8.39 11.80
CA LEU A 110 -5.06 -7.03 12.25
C LEU A 110 -4.51 -6.83 13.68
N THR A 111 -4.32 -7.94 14.42
CA THR A 111 -3.76 -7.85 15.77
C THR A 111 -2.31 -8.34 15.79
N SER A 112 -1.68 -8.47 14.60
CA SER A 112 -0.32 -8.98 14.49
C SER A 112 0.69 -8.09 15.20
N MSE A 113 0.34 -6.83 15.45
CA MSE A 113 1.25 -5.93 16.13
C MSE A 113 0.70 -5.50 17.49
O MSE A 113 1.14 -4.49 18.03
CB MSE A 113 1.58 -4.74 15.21
CG MSE A 113 2.37 -5.13 13.96
SE MSE A 113 2.55 -3.79 12.58
CE MSE A 113 0.69 -3.79 11.94
N GLN A 114 -0.21 -6.30 18.05
CA GLN A 114 -0.78 -6.07 19.38
C GLN A 114 0.34 -5.84 20.40
N ASP A 115 1.38 -6.67 20.31
CA ASP A 115 2.51 -6.61 21.23
C ASP A 115 3.24 -5.28 21.14
N LYS A 116 3.06 -4.55 20.03
CA LYS A 116 3.83 -3.33 19.91
C LYS A 116 2.93 -2.11 20.11
N GLY A 117 1.73 -2.34 20.67
CA GLY A 117 0.83 -1.25 21.00
C GLY A 117 0.06 -0.71 19.80
N ILE A 118 -0.16 -1.55 18.79
N ILE A 118 -0.12 -1.56 18.78
CA ILE A 118 -0.85 -1.11 17.59
CA ILE A 118 -0.80 -1.22 17.54
C ILE A 118 -2.09 -1.95 17.35
C ILE A 118 -2.12 -1.97 17.43
N THR A 119 -3.17 -1.25 17.01
CA THR A 119 -4.49 -1.84 16.75
C THR A 119 -4.78 -1.69 15.25
N GLY A 120 -5.10 -2.80 14.58
CA GLY A 120 -5.50 -2.80 13.19
C GLY A 120 -6.99 -2.52 13.09
N LEU A 121 -7.36 -1.48 12.34
CA LEU A 121 -8.75 -1.08 12.21
C LEU A 121 -9.39 -1.62 10.94
N GLY A 122 -8.59 -2.00 9.95
CA GLY A 122 -9.16 -2.53 8.72
C GLY A 122 -8.15 -2.52 7.58
N TYR A 123 -8.51 -3.21 6.51
CA TYR A 123 -7.75 -3.25 5.28
C TYR A 123 -8.38 -2.32 4.25
N TRP A 124 -7.53 -1.48 3.63
CA TRP A 124 -7.95 -0.64 2.52
C TRP A 124 -7.24 -1.07 1.25
N HIS A 125 -8.00 -1.19 0.16
CA HIS A 125 -7.41 -1.54 -1.11
C HIS A 125 -6.83 -0.35 -1.86
N ASN A 126 -5.79 -0.61 -2.63
CA ASN A 126 -5.38 0.31 -3.67
C ASN A 126 -5.58 -0.44 -4.97
N GLY A 127 -4.62 -1.30 -5.31
CA GLY A 127 -4.79 -2.06 -6.53
C GLY A 127 -3.54 -2.88 -6.82
N MSE A 128 -3.61 -3.65 -7.91
CA MSE A 128 -2.47 -4.45 -8.34
C MSE A 128 -1.37 -3.53 -8.84
O MSE A 128 -1.61 -2.44 -9.35
CB MSE A 128 -2.89 -5.43 -9.44
CG MSE A 128 -4.09 -6.29 -9.12
SE MSE A 128 -3.76 -7.38 -7.51
CE MSE A 128 -2.47 -8.64 -8.28
N LYS A 129 -0.14 -4.01 -8.69
CA LYS A 129 1.03 -3.26 -9.11
C LYS A 129 1.38 -3.56 -10.56
N GLN A 130 1.86 -2.51 -11.25
CA GLN A 130 2.33 -2.56 -12.62
C GLN A 130 3.80 -2.18 -12.63
N LEU A 131 4.58 -2.84 -13.49
CA LEU A 131 6.00 -2.57 -13.66
C LEU A 131 6.15 -1.36 -14.58
N SER A 132 7.18 -0.55 -14.34
CA SER A 132 7.48 0.54 -15.26
C SER A 132 8.99 0.67 -15.38
N ALA A 133 9.43 1.21 -16.52
CA ALA A 133 10.84 1.45 -16.76
C ALA A 133 10.95 2.32 -18.02
N ASN A 134 12.18 2.61 -18.45
CA ASN A 134 12.35 3.38 -19.67
C ASN A 134 12.63 2.47 -20.85
N LYS A 135 12.57 1.16 -20.61
CA LYS A 135 12.65 0.17 -21.68
C LYS A 135 11.44 -0.76 -21.55
N PRO A 136 10.95 -1.37 -22.65
CA PRO A 136 9.79 -2.24 -22.56
C PRO A 136 10.10 -3.49 -21.75
N LEU A 137 9.28 -3.76 -20.73
CA LEU A 137 9.42 -4.96 -19.90
C LEU A 137 8.37 -5.95 -20.34
N ARG A 138 8.75 -6.85 -21.28
CA ARG A 138 7.82 -7.84 -21.79
C ARG A 138 8.10 -9.22 -21.18
N GLU A 139 9.39 -9.53 -21.01
CA GLU A 139 9.81 -10.81 -20.45
C GLU A 139 10.84 -10.54 -19.35
N PRO A 140 10.98 -11.46 -18.36
CA PRO A 140 11.93 -11.29 -17.26
C PRO A 140 13.33 -10.79 -17.64
N LYS A 141 13.89 -11.34 -18.73
CA LYS A 141 15.23 -10.93 -19.17
C LYS A 141 15.31 -9.42 -19.42
N ASP A 142 14.17 -8.79 -19.72
CA ASP A 142 14.17 -7.37 -20.03
C ASP A 142 14.55 -6.54 -18.80
N ALA A 143 14.35 -7.09 -17.60
CA ALA A 143 14.66 -6.39 -16.36
C ALA A 143 16.13 -6.48 -15.97
N ARG A 144 16.89 -7.35 -16.62
CA ARG A 144 18.27 -7.60 -16.20
C ARG A 144 19.11 -6.32 -16.17
N GLY A 145 19.73 -6.07 -15.02
CA GLY A 145 20.66 -4.95 -14.85
C GLY A 145 19.98 -3.63 -14.54
N LEU A 146 18.64 -3.60 -14.55
CA LEU A 146 17.94 -2.36 -14.25
C LEU A 146 17.91 -2.17 -12.73
N LYS A 147 17.78 -0.91 -12.31
CA LYS A 147 17.66 -0.54 -10.91
C LYS A 147 16.18 -0.19 -10.66
N PHE A 148 15.52 -0.97 -9.79
CA PHE A 148 14.12 -0.76 -9.48
C PHE A 148 13.93 -0.27 -8.06
N ARG A 149 13.15 0.80 -7.90
CA ARG A 149 12.74 1.24 -6.58
C ARG A 149 11.67 0.30 -6.04
N VAL A 150 11.85 -0.08 -4.78
CA VAL A 150 10.85 -0.86 -4.07
C VAL A 150 10.58 -0.17 -2.75
N GLN A 151 9.41 -0.49 -2.18
CA GLN A 151 9.12 -0.16 -0.81
C GLN A 151 10.10 -0.95 0.07
N ALA A 152 10.21 -0.52 1.34
CA ALA A 152 11.16 -1.10 2.27
C ALA A 152 10.70 -2.49 2.72
N SER A 153 10.95 -3.49 1.87
CA SER A 153 10.52 -4.86 2.05
C SER A 153 11.58 -5.83 1.54
N LYS A 154 11.97 -6.80 2.36
CA LYS A 154 12.93 -7.82 1.94
C LYS A 154 12.32 -8.70 0.84
N VAL A 155 11.00 -8.93 0.92
CA VAL A 155 10.35 -9.75 -0.09
C VAL A 155 10.43 -9.08 -1.46
N LEU A 156 10.16 -7.77 -1.50
CA LEU A 156 10.18 -7.07 -2.77
C LEU A 156 11.60 -6.99 -3.31
N GLU A 157 12.59 -6.88 -2.43
CA GLU A 157 13.95 -6.88 -2.89
C GLU A 157 14.27 -8.22 -3.56
N GLU A 158 13.85 -9.32 -2.93
CA GLU A 158 14.14 -10.63 -3.48
C GLU A 158 13.44 -10.82 -4.83
N GLN A 159 12.23 -10.28 -4.96
CA GLN A 159 11.47 -10.37 -6.20
C GLN A 159 12.28 -9.84 -7.38
N PHE A 160 12.97 -8.70 -7.19
CA PHE A 160 13.74 -8.12 -8.29
C PHE A 160 15.09 -8.81 -8.44
N LYS A 161 15.69 -9.26 -7.34
CA LYS A 161 16.94 -10.01 -7.45
C LYS A 161 16.72 -11.25 -8.29
N ALA A 162 15.51 -11.81 -8.23
CA ALA A 162 15.18 -13.02 -8.97
C ALA A 162 15.24 -12.81 -10.48
N VAL A 163 15.06 -11.56 -10.94
CA VAL A 163 15.10 -11.27 -12.36
C VAL A 163 16.36 -10.46 -12.68
N ARG A 164 17.36 -10.62 -11.82
CA ARG A 164 18.68 -10.01 -11.97
C ARG A 164 18.61 -8.49 -12.06
N ALA A 165 17.62 -7.93 -11.39
CA ALA A 165 17.54 -6.49 -11.29
C ALA A 165 18.16 -6.09 -9.96
N ASN A 166 18.45 -4.80 -9.81
CA ASN A 166 19.08 -4.27 -8.61
C ASN A 166 18.07 -3.43 -7.86
N PRO A 167 17.37 -4.00 -6.84
CA PRO A 167 16.39 -3.23 -6.09
C PRO A 167 17.02 -2.21 -5.16
N ARG A 168 16.33 -1.08 -4.99
CA ARG A 168 16.74 -0.03 -4.07
C ARG A 168 15.52 0.38 -3.25
N LYS A 169 15.61 0.25 -1.93
CA LYS A 169 14.54 0.68 -1.03
C LYS A 169 14.58 2.20 -0.96
N MSE A 170 13.41 2.82 -1.19
N MSE A 170 13.43 2.87 -1.17
CA MSE A 170 13.29 4.25 -1.10
CA MSE A 170 13.40 4.32 -1.22
C MSE A 170 11.92 4.60 -0.54
C MSE A 170 11.99 4.82 -0.85
O MSE A 170 10.95 3.85 -0.73
O MSE A 170 11.02 4.35 -1.44
CB MSE A 170 13.41 4.92 -2.47
CB MSE A 170 13.88 4.74 -2.61
CG MSE A 170 14.58 4.47 -3.26
CG MSE A 170 13.64 6.19 -3.02
SE MSE A 170 14.73 5.49 -4.91
SE MSE A 170 14.03 6.45 -4.94
CE MSE A 170 15.39 7.17 -4.14
CE MSE A 170 15.99 6.55 -4.83
N SER A 171 11.90 5.74 0.13
CA SER A 171 10.65 6.30 0.61
C SER A 171 9.82 6.78 -0.57
N PHE A 172 8.51 6.67 -0.44
CA PHE A 172 7.62 6.99 -1.54
C PHE A 172 7.82 8.41 -2.04
N ALA A 173 8.04 9.37 -1.15
CA ALA A 173 8.16 10.76 -1.57
C ALA A 173 9.36 11.00 -2.47
N GLU A 174 10.33 10.08 -2.47
CA GLU A 174 11.57 10.27 -3.21
C GLU A 174 11.60 9.59 -4.58
N VAL A 175 10.54 8.83 -4.92
CA VAL A 175 10.62 7.99 -6.11
C VAL A 175 10.71 8.81 -7.40
N TYR A 176 9.85 9.81 -7.58
CA TYR A 176 9.89 10.58 -8.82
C TYR A 176 11.30 11.12 -9.08
N GLN A 177 11.88 11.75 -8.05
CA GLN A 177 13.23 12.31 -8.19
C GLN A 177 14.26 11.21 -8.44
N GLY A 178 14.12 10.06 -7.78
CA GLY A 178 15.01 8.94 -8.00
C GLY A 178 14.98 8.49 -9.47
N LEU A 179 13.79 8.46 -10.08
CA LEU A 179 13.65 8.03 -11.47
C LEU A 179 14.17 9.08 -12.41
N GLN A 180 13.87 10.36 -12.12
CA GLN A 180 14.31 11.43 -13.00
C GLN A 180 15.82 11.52 -13.03
N THR A 181 16.49 11.26 -11.89
CA THR A 181 17.94 11.41 -11.79
C THR A 181 18.67 10.11 -12.13
N GLY A 182 17.95 9.01 -12.37
CA GLY A 182 18.59 7.78 -12.79
C GLY A 182 19.15 6.94 -11.63
N VAL A 183 18.90 7.37 -10.38
CA VAL A 183 19.30 6.59 -9.22
C VAL A 183 18.58 5.25 -9.31
N VAL A 184 17.35 5.28 -9.79
CA VAL A 184 16.60 4.09 -10.14
C VAL A 184 16.08 4.33 -11.55
N ASN A 185 15.79 3.26 -12.29
CA ASN A 185 15.26 3.51 -13.61
C ASN A 185 13.93 2.80 -13.86
N GLY A 186 13.45 2.03 -12.88
CA GLY A 186 12.15 1.40 -12.98
C GLY A 186 11.55 1.27 -11.59
N THR A 187 10.27 0.88 -11.53
CA THR A 187 9.64 0.65 -10.24
C THR A 187 8.34 -0.14 -10.47
N GLU A 188 7.56 -0.28 -9.39
CA GLU A 188 6.29 -0.97 -9.44
C GLU A 188 5.31 -0.12 -8.65
N ASN A 189 4.07 -0.03 -9.13
CA ASN A 189 3.07 0.84 -8.53
C ASN A 189 1.71 0.53 -9.12
N PRO A 190 0.61 0.72 -8.36
CA PRO A 190 -0.71 0.72 -8.97
C PRO A 190 -0.84 1.99 -9.81
N TRP A 191 -1.75 1.98 -10.79
CA TRP A 191 -1.90 3.10 -11.71
C TRP A 191 -2.02 4.44 -10.99
N SER A 192 -2.76 4.47 -9.87
CA SER A 192 -3.02 5.74 -9.20
C SER A 192 -1.74 6.36 -8.65
N ASN A 193 -0.78 5.55 -8.20
CA ASN A 193 0.46 6.11 -7.70
C ASN A 193 1.37 6.56 -8.85
N ILE A 194 1.28 5.90 -9.99
CA ILE A 194 2.00 6.36 -11.17
C ILE A 194 1.52 7.76 -11.55
N TYR A 195 0.22 7.90 -11.80
CA TYR A 195 -0.31 9.15 -12.31
C TYR A 195 -0.15 10.29 -11.31
N SER A 196 -0.60 10.07 -10.07
CA SER A 196 -0.62 11.13 -9.07
C SER A 196 0.77 11.66 -8.71
N GLN A 197 1.83 10.84 -8.89
N GLN A 197 1.81 10.82 -8.91
CA GLN A 197 3.17 11.32 -8.60
CA GLN A 197 3.19 11.18 -8.65
C GLN A 197 3.91 11.69 -9.88
C GLN A 197 3.96 11.49 -9.93
N LYS A 198 3.20 11.67 -11.03
CA LYS A 198 3.76 12.04 -12.33
C LYS A 198 4.87 11.10 -12.78
N MSE A 199 4.85 9.84 -12.35
N MSE A 199 4.86 9.84 -12.33
CA MSE A 199 5.93 8.93 -12.70
CA MSE A 199 5.93 8.93 -12.71
C MSE A 199 5.87 8.53 -14.18
C MSE A 199 5.90 8.68 -14.22
O MSE A 199 6.87 8.08 -14.73
O MSE A 199 6.95 8.46 -14.82
CB MSE A 199 5.95 7.71 -11.79
CB MSE A 199 5.82 7.61 -11.97
CG MSE A 199 5.95 8.08 -10.32
CG MSE A 199 5.66 7.76 -10.49
SE MSE A 199 6.86 6.74 -9.22
SE MSE A 199 5.89 6.02 -9.62
CE MSE A 199 5.93 7.15 -7.56
CE MSE A 199 5.53 6.60 -7.79
N HIS A 200 4.71 8.72 -14.83
CA HIS A 200 4.61 8.46 -16.26
C HIS A 200 5.47 9.46 -17.03
N GLU A 201 5.74 10.63 -16.45
CA GLU A 201 6.55 11.63 -17.14
C GLU A 201 8.02 11.22 -17.20
N VAL A 202 8.41 10.23 -16.39
CA VAL A 202 9.81 9.79 -16.36
C VAL A 202 9.90 8.28 -16.53
N GLN A 203 8.83 7.65 -17.01
CA GLN A 203 8.81 6.22 -17.29
C GLN A 203 8.10 6.03 -18.63
N LYS A 204 8.88 5.68 -19.65
CA LYS A 204 8.34 5.58 -21.00
C LYS A 204 7.45 4.35 -21.21
N TYR A 205 7.73 3.27 -20.48
CA TYR A 205 7.01 2.03 -20.67
C TYR A 205 6.43 1.53 -19.36
N ILE A 206 5.11 1.27 -19.37
CA ILE A 206 4.43 0.71 -18.22
C ILE A 206 3.82 -0.62 -18.66
N THR A 207 4.23 -1.71 -18.01
CA THR A 207 3.70 -3.04 -18.31
C THR A 207 2.58 -3.37 -17.34
N GLU A 208 1.43 -3.76 -17.90
CA GLU A 208 0.30 -4.16 -17.09
C GLU A 208 0.54 -5.62 -16.66
N SER A 209 1.33 -5.76 -15.60
CA SER A 209 1.75 -7.04 -15.07
C SER A 209 0.84 -7.60 -13.98
N ASP A 210 0.19 -6.73 -13.20
CA ASP A 210 -0.64 -7.14 -12.06
C ASP A 210 0.10 -8.23 -11.29
N HIS A 211 1.36 -7.95 -10.91
CA HIS A 211 2.22 -9.00 -10.36
C HIS A 211 2.23 -9.06 -8.84
N GLY A 212 1.57 -8.12 -8.17
CA GLY A 212 1.53 -8.09 -6.72
C GLY A 212 0.47 -7.11 -6.28
N VAL A 213 0.18 -7.06 -4.98
N VAL A 213 0.17 -7.10 -4.99
CA VAL A 213 -0.86 -6.16 -4.54
CA VAL A 213 -0.85 -6.22 -4.45
C VAL A 213 -0.28 -5.03 -3.70
C VAL A 213 -0.18 -5.04 -3.74
N LEU A 214 -0.88 -3.85 -3.89
N LEU A 214 -0.92 -3.93 -3.72
CA LEU A 214 -0.64 -2.70 -3.03
CA LEU A 214 -0.55 -2.78 -2.93
C LEU A 214 -1.93 -2.49 -2.24
C LEU A 214 -1.80 -2.39 -2.16
N ASP A 215 -1.89 -2.80 -0.95
N ASP A 215 -1.93 -2.92 -0.95
CA ASP A 215 -3.02 -2.59 -0.05
CA ASP A 215 -3.04 -2.62 -0.05
C ASP A 215 -2.48 -2.11 1.28
C ASP A 215 -2.48 -2.01 1.24
N TYR A 216 -3.38 -1.57 2.11
CA TYR A 216 -3.01 -0.91 3.34
C TYR A 216 -3.64 -1.54 4.56
N MSE A 217 -3.01 -1.32 5.71
CA MSE A 217 -3.67 -1.62 6.97
C MSE A 217 -3.83 -0.28 7.68
O MSE A 217 -2.83 0.40 7.99
CB MSE A 217 -2.92 -2.57 7.89
CG MSE A 217 -3.72 -2.90 9.16
SE MSE A 217 -2.86 -4.16 10.33
CE MSE A 217 -2.84 -5.68 9.14
N VAL A 218 -5.08 0.08 7.96
CA VAL A 218 -5.36 1.25 8.76
C VAL A 218 -5.08 0.89 10.21
N ILE A 219 -4.21 1.64 10.87
CA ILE A 219 -3.78 1.33 12.22
C ILE A 219 -3.86 2.56 13.12
N THR A 220 -3.97 2.27 14.42
CA THR A 220 -3.94 3.29 15.45
C THR A 220 -3.12 2.79 16.65
N ASN A 221 -2.87 3.72 17.57
CA ASN A 221 -2.15 3.49 18.81
C ASN A 221 -3.16 2.91 19.81
N THR A 222 -2.94 1.68 20.30
CA THR A 222 -3.92 1.02 21.17
C THR A 222 -4.21 1.88 22.41
N LYS A 223 -3.17 2.44 23.03
CA LYS A 223 -3.38 3.21 24.24
C LYS A 223 -4.31 4.40 23.96
N PHE A 224 -4.12 5.06 22.82
CA PHE A 224 -4.97 6.18 22.44
C PHE A 224 -6.40 5.70 22.18
N TRP A 225 -6.52 4.66 21.36
CA TRP A 225 -7.81 4.21 20.89
C TRP A 225 -8.65 3.64 22.04
N ASN A 226 -8.03 2.77 22.84
CA ASN A 226 -8.75 2.13 23.95
C ASN A 226 -9.00 3.15 25.06
N GLY A 227 -8.27 4.27 25.05
CA GLY A 227 -8.42 5.33 26.04
C GLY A 227 -9.56 6.30 25.72
N LEU A 228 -10.08 6.26 24.49
CA LEU A 228 -11.20 7.12 24.10
C LEU A 228 -12.45 6.80 24.93
N PRO A 229 -13.36 7.78 25.12
CA PRO A 229 -14.67 7.50 25.72
C PRO A 229 -15.28 6.38 24.88
N GLU A 230 -15.92 5.44 25.55
N GLU A 230 -15.90 5.40 25.53
CA GLU A 230 -16.47 4.24 24.95
CA GLU A 230 -16.42 4.22 24.84
C GLU A 230 -17.48 4.60 23.85
C GLU A 230 -17.46 4.62 23.78
N ASP A 231 -18.30 5.63 24.08
CA ASP A 231 -19.33 6.03 23.13
C ASP A 231 -18.70 6.61 21.87
N VAL A 232 -17.64 7.42 22.06
CA VAL A 232 -16.94 8.03 20.94
C VAL A 232 -16.27 6.95 20.12
N ARG A 233 -15.59 6.00 20.79
CA ARG A 233 -14.91 4.96 20.06
C ARG A 233 -15.90 4.13 19.23
N GLY A 234 -17.09 3.87 19.77
CA GLY A 234 -18.09 3.09 19.04
C GLY A 234 -18.45 3.75 17.71
N VAL A 235 -18.68 5.08 17.76
CA VAL A 235 -19.02 5.82 16.56
C VAL A 235 -17.83 5.84 15.60
N LEU A 236 -16.62 6.07 16.12
CA LEU A 236 -15.44 6.11 15.26
C LEU A 236 -15.23 4.78 14.55
N ALA A 237 -15.41 3.67 15.27
CA ALA A 237 -15.17 2.34 14.70
C ALA A 237 -16.19 2.02 13.61
N LYS A 238 -17.45 2.35 13.86
CA LYS A 238 -18.48 2.12 12.88
C LYS A 238 -18.24 3.01 11.66
N THR A 239 -17.80 4.24 11.90
CA THR A 239 -17.58 5.18 10.81
C THR A 239 -16.39 4.69 9.96
N MSE A 240 -15.32 4.24 10.62
CA MSE A 240 -14.19 3.69 9.88
C MSE A 240 -14.64 2.50 9.02
O MSE A 240 -14.21 2.37 7.89
CB MSE A 240 -13.07 3.30 10.85
CG MSE A 240 -11.85 2.73 10.15
SE MSE A 240 -10.99 3.90 8.82
CE MSE A 240 -10.03 5.05 10.10
N ASP A 241 -15.50 1.62 9.56
CA ASP A 241 -15.96 0.46 8.80
C ASP A 241 -16.76 0.90 7.55
N GLU A 242 -17.54 1.97 7.67
CA GLU A 242 -18.28 2.51 6.53
C GLU A 242 -17.33 3.10 5.49
N VAL A 243 -16.27 3.78 5.95
CA VAL A 243 -15.31 4.36 5.03
C VAL A 243 -14.59 3.24 4.29
N THR A 244 -14.20 2.18 5.00
CA THR A 244 -13.55 1.04 4.38
C THR A 244 -14.37 0.51 3.21
N VAL A 245 -15.68 0.34 3.42
CA VAL A 245 -16.53 -0.13 2.34
C VAL A 245 -16.41 0.76 1.10
N GLU A 246 -16.51 2.07 1.29
CA GLU A 246 -16.48 3.04 0.21
C GLU A 246 -15.13 3.01 -0.49
N VAL A 247 -14.03 3.02 0.28
CA VAL A 247 -12.71 2.96 -0.31
C VAL A 247 -12.59 1.73 -1.19
N ASN A 248 -12.97 0.58 -0.66
CA ASN A 248 -12.73 -0.69 -1.29
C ASN A 248 -13.58 -0.87 -2.53
N LYS A 249 -14.79 -0.29 -2.55
CA LYS A 249 -15.62 -0.49 -3.72
C LYS A 249 -15.15 0.40 -4.88
N GLN A 250 -14.46 1.50 -4.59
N GLN A 250 -14.44 1.48 -4.58
CA GLN A 250 -14.12 2.46 -5.63
CA GLN A 250 -14.11 2.40 -5.66
C GLN A 250 -12.63 2.43 -6.02
C GLN A 250 -12.66 2.29 -6.11
N ALA A 251 -11.81 1.62 -5.35
CA ALA A 251 -10.37 1.59 -5.64
C ALA A 251 -10.04 1.17 -7.06
N GLU A 252 -10.62 0.08 -7.53
CA GLU A 252 -10.31 -0.42 -8.85
C GLU A 252 -10.70 0.63 -9.90
N ALA A 253 -11.86 1.27 -9.73
CA ALA A 253 -12.35 2.25 -10.68
C ALA A 253 -11.45 3.49 -10.72
N LEU A 254 -11.00 3.93 -9.53
N LEU A 254 -10.94 3.88 -9.55
CA LEU A 254 -10.05 5.03 -9.45
CA LEU A 254 -10.08 5.05 -9.50
C LEU A 254 -8.82 4.68 -10.28
C LEU A 254 -8.73 4.75 -10.16
N ASN A 255 -8.25 3.50 -10.01
CA ASN A 255 -7.04 3.09 -10.70
C ASN A 255 -7.29 3.05 -12.21
N GLN A 256 -8.47 2.61 -12.65
CA GLN A 256 -8.76 2.58 -14.08
C GLN A 256 -8.83 3.99 -14.65
N GLY A 257 -9.38 4.92 -13.89
CA GLY A 257 -9.41 6.31 -14.30
C GLY A 257 -8.00 6.84 -14.46
N ASP A 258 -7.09 6.46 -13.56
CA ASP A 258 -5.70 6.93 -13.65
C ASP A 258 -4.98 6.30 -14.84
N LYS A 259 -5.24 5.03 -15.12
CA LYS A 259 -4.67 4.42 -16.31
C LYS A 259 -5.05 5.26 -17.54
N GLN A 260 -6.33 5.66 -17.64
CA GLN A 260 -6.78 6.42 -18.78
C GLN A 260 -6.15 7.81 -18.82
N ARG A 261 -5.99 8.44 -17.65
N ARG A 261 -5.99 8.42 -17.64
CA ARG A 261 -5.34 9.73 -17.58
CA ARG A 261 -5.33 9.71 -17.54
C ARG A 261 -3.88 9.62 -18.05
C ARG A 261 -3.89 9.60 -18.07
N ILE A 262 -3.22 8.49 -17.74
CA ILE A 262 -1.86 8.27 -18.25
C ILE A 262 -1.89 8.19 -19.78
N VAL A 263 -2.84 7.42 -20.32
CA VAL A 263 -2.96 7.32 -21.78
C VAL A 263 -3.13 8.73 -22.37
N GLU A 264 -4.06 9.52 -21.82
CA GLU A 264 -4.36 10.86 -22.32
C GLU A 264 -3.21 11.83 -22.13
N ALA A 265 -2.27 11.51 -21.23
CA ALA A 265 -1.13 12.38 -20.96
C ALA A 265 -0.11 12.37 -22.11
N LYS A 266 -0.12 11.32 -22.93
CA LYS A 266 0.74 11.21 -24.11
C LYS A 266 2.22 11.30 -23.73
N THR A 267 2.63 10.50 -22.73
CA THR A 267 4.03 10.45 -22.30
C THR A 267 4.59 9.03 -22.38
N SER A 268 3.72 8.04 -22.24
CA SER A 268 4.16 6.67 -22.05
C SER A 268 3.40 5.72 -22.96
N GLU A 269 3.94 4.51 -23.06
CA GLU A 269 3.30 3.44 -23.79
C GLU A 269 2.95 2.35 -22.78
N ILE A 270 1.76 1.78 -22.92
CA ILE A 270 1.32 0.73 -22.04
C ILE A 270 1.49 -0.62 -22.76
N ILE A 271 2.25 -1.51 -22.12
CA ILE A 271 2.52 -2.84 -22.62
C ILE A 271 1.55 -3.82 -21.97
N GLU A 272 0.84 -4.57 -22.81
CA GLU A 272 -0.05 -5.62 -22.38
C GLU A 272 0.70 -6.94 -22.54
N LEU A 273 0.56 -7.84 -21.55
CA LEU A 273 1.23 -9.13 -21.61
C LEU A 273 0.23 -10.20 -22.02
N THR A 274 0.71 -11.17 -22.81
CA THR A 274 -0.12 -12.32 -23.13
C THR A 274 -0.16 -13.19 -21.86
N PRO A 275 -1.19 -14.04 -21.67
CA PRO A 275 -1.21 -14.95 -20.52
C PRO A 275 0.09 -15.74 -20.39
N GLU A 276 0.71 -16.06 -21.52
CA GLU A 276 1.94 -16.84 -21.56
C GLU A 276 3.12 -16.00 -21.06
N GLN A 277 3.21 -14.73 -21.49
CA GLN A 277 4.28 -13.87 -21.03
C GLN A 277 4.18 -13.65 -19.53
N ARG A 278 2.94 -13.53 -19.04
CA ARG A 278 2.73 -13.30 -17.61
C ARG A 278 3.15 -14.56 -16.85
N ALA A 279 2.92 -15.72 -17.46
CA ALA A 279 3.32 -16.99 -16.86
C ALA A 279 4.85 -17.06 -16.72
N GLU A 280 5.57 -16.38 -17.63
CA GLU A 280 7.03 -16.36 -17.59
C GLU A 280 7.50 -15.56 -16.37
N TRP A 281 6.85 -14.42 -16.12
CA TRP A 281 7.19 -13.63 -14.94
C TRP A 281 6.91 -14.44 -13.68
N ARG A 282 5.77 -15.14 -13.66
CA ARG A 282 5.36 -15.92 -12.51
C ARG A 282 6.40 -16.99 -12.19
N LYS A 283 6.89 -17.69 -13.21
CA LYS A 283 7.86 -18.76 -13.01
C LYS A 283 9.18 -18.23 -12.46
N ALA A 284 9.57 -17.01 -12.87
CA ALA A 284 10.85 -16.43 -12.46
C ALA A 284 10.79 -15.89 -11.02
N MSE A 285 9.63 -15.40 -10.59
CA MSE A 285 9.53 -14.72 -9.30
C MSE A 285 8.93 -15.61 -8.20
O MSE A 285 9.19 -15.37 -7.03
CB MSE A 285 8.69 -13.45 -9.44
CG MSE A 285 9.41 -12.30 -10.11
SE MSE A 285 8.16 -10.82 -10.46
CE MSE A 285 9.48 -9.45 -10.99
N GLN A 286 8.18 -16.65 -8.57
CA GLN A 286 7.46 -17.45 -7.58
C GLN A 286 8.43 -18.17 -6.64
N PRO A 287 9.67 -18.51 -7.05
CA PRO A 287 10.64 -19.11 -6.12
C PRO A 287 11.01 -18.29 -4.89
N VAL A 288 10.61 -17.01 -4.86
CA VAL A 288 10.95 -16.17 -3.73
C VAL A 288 10.12 -16.59 -2.51
N TRP A 289 8.96 -17.22 -2.74
CA TRP A 289 8.09 -17.63 -1.66
C TRP A 289 8.83 -18.52 -0.66
N LYS A 290 9.66 -19.43 -1.18
CA LYS A 290 10.37 -20.41 -0.36
C LYS A 290 11.28 -19.72 0.66
N LYS A 291 11.90 -18.60 0.26
CA LYS A 291 12.83 -17.91 1.14
C LYS A 291 12.14 -17.34 2.38
N PHE A 292 10.82 -17.11 2.31
CA PHE A 292 10.13 -16.44 3.41
C PHE A 292 9.11 -17.34 4.11
N GLU A 293 8.95 -18.59 3.65
CA GLU A 293 7.97 -19.49 4.26
C GLU A 293 8.19 -19.62 5.76
N GLY A 294 9.46 -19.79 6.16
CA GLY A 294 9.83 -19.97 7.55
C GLY A 294 9.32 -18.86 8.47
N GLU A 295 9.45 -17.60 8.00
CA GLU A 295 9.05 -16.44 8.78
C GLU A 295 7.55 -16.19 8.73
N ILE A 296 6.96 -16.36 7.54
CA ILE A 296 5.55 -16.10 7.33
C ILE A 296 4.71 -17.23 7.92
N GLY A 297 5.16 -18.46 7.68
CA GLY A 297 4.44 -19.66 8.07
C GLY A 297 3.92 -20.36 6.82
N ALA A 298 4.45 -21.56 6.54
CA ALA A 298 4.12 -22.31 5.34
C ALA A 298 2.61 -22.55 5.22
N ASP A 299 1.94 -22.69 6.38
CA ASP A 299 0.51 -22.96 6.42
C ASP A 299 -0.28 -21.68 6.18
N LEU A 300 0.25 -20.55 6.65
CA LEU A 300 -0.40 -19.27 6.42
C LEU A 300 -0.46 -19.01 4.92
N ILE A 301 0.65 -19.31 4.23
CA ILE A 301 0.74 -19.13 2.80
C ILE A 301 -0.23 -20.07 2.09
N LYS A 302 -0.39 -21.29 2.64
CA LYS A 302 -1.29 -22.29 2.06
C LYS A 302 -2.71 -21.73 1.99
N ALA A 303 -3.17 -21.16 3.11
CA ALA A 303 -4.50 -20.57 3.21
C ALA A 303 -4.69 -19.43 2.21
N ALA A 304 -3.64 -18.64 1.98
CA ALA A 304 -3.72 -17.52 1.04
C ALA A 304 -4.05 -18.05 -0.35
N GLU A 305 -3.42 -19.18 -0.73
CA GLU A 305 -3.67 -19.80 -2.01
C GLU A 305 -5.14 -20.24 -2.09
N ALA A 306 -5.64 -20.78 -0.98
CA ALA A 306 -7.02 -21.25 -0.92
C ALA A 306 -7.99 -20.11 -1.27
N ALA A 307 -7.62 -18.88 -0.89
CA ALA A 307 -8.44 -17.71 -1.19
C ALA A 307 -8.65 -17.56 -2.70
N ASN A 308 -7.70 -18.10 -3.49
CA ASN A 308 -7.86 -18.05 -4.94
C ASN A 308 -8.92 -19.09 -5.35
C1 SIN B . 1.30 4.23 -0.74
O1 SIN B . 0.44 4.03 -1.63
O2 SIN B . 1.06 4.29 0.48
C2 SIN B . 2.73 4.31 -1.20
C3 SIN B . 3.29 2.94 -1.49
C4 SIN B . 4.72 2.92 -1.98
O3 SIN B . 4.93 2.52 -3.15
O4 SIN B . 5.59 3.29 -1.19
ZN ZN C . 18.56 -2.78 -0.83
ZN ZN D . -9.71 9.68 -11.01
ZN ZN E . -12.13 13.29 -9.26
ZN ZN F . -12.57 -5.64 -1.08
ZN ZN G . -19.54 6.37 -1.35
#